data_8F1Z
#
_entry.id   8F1Z
#
_cell.length_a   146.131
_cell.length_b   146.131
_cell.length_c   146.131
_cell.angle_alpha   90.000
_cell.angle_beta   90.000
_cell.angle_gamma   90.000
#
_symmetry.space_group_name_H-M   'I 2 3'
#
loop_
_entity.id
_entity.type
_entity.pdbx_description
1 polymer 'Epidermal growth factor receptor'
2 non-polymer (2P)-3-(3-chloro-2-methoxyanilino)-2-[3-(2-methoxy-2-methylpropoxy)pyridin-4-yl]-1,5,6,7-tetrahydro-4H-pyrrolo[3,2-c]pyridin-4-one
3 non-polymer 'CITRIC ACID'
4 water water
#
_entity_poly.entity_id   1
_entity_poly.type   'polypeptide(L)'
_entity_poly.pdbx_seq_one_letter_code
;GSTSGEAPNQALLRILKETEFKKIKVLGSGAFGTVYKGLWIPEGEKVKIPVAIKELREATSPKANKEILDEAYVMASVDN
PHVCRLLGICLTSTVQLITQLMPFGCLLDYVREHKDNIGSQYLLNWCVQIAKGMNYLEDRRLVHRDLAARNVLVKTPQHV
KITDFGLAKLLGAEEKEYHAEGGKVPIKWMALESILHRIYTHQSDVWSYGVTVWELMTFGSKPYDGIPASEISSILEKGE
RLPQPPICTIDVYMIMVKCWMIDADSRPKFRELIIEFSKMARDPQRYLVIQGDERMHLPSPTDSNFYRALMDEEDMDDVV
DADEYLIPQQG
;
_entity_poly.pdbx_strand_id   A
#
loop_
_chem_comp.id
_chem_comp.type
_chem_comp.name
_chem_comp.formula
CIT non-polymer 'CITRIC ACID' 'C6 H8 O7'
X9B non-polymer (2P)-3-(3-chloro-2-methoxyanilino)-2-[3-(2-methoxy-2-methylpropoxy)pyridin-4-yl]-1,5,6,7-tetrahydro-4H-pyrrolo[3,2-c]pyridin-4-one 'C24 H27 Cl N4 O4'
#
# COMPACT_ATOMS: atom_id res chain seq x y z
N THR A 3 -22.17 5.48 25.73
CA THR A 3 -22.99 6.27 24.82
C THR A 3 -22.98 5.69 23.40
N SER A 4 -23.33 6.52 22.44
CA SER A 4 -23.27 6.14 21.03
C SER A 4 -21.83 6.04 20.56
N GLY A 5 -21.65 5.37 19.44
CA GLY A 5 -20.32 5.26 18.87
C GLY A 5 -20.18 3.96 18.08
N GLU A 6 -18.94 3.48 18.02
CA GLU A 6 -18.58 2.32 17.23
C GLU A 6 -18.51 1.07 18.10
N ALA A 7 -17.93 0.00 17.55
CA ALA A 7 -17.71 -1.30 18.17
C ALA A 7 -16.37 -1.30 18.90
N PRO A 8 -16.26 -2.07 19.99
CA PRO A 8 -14.99 -2.14 20.72
C PRO A 8 -13.90 -2.76 19.87
N ASN A 9 -12.78 -2.07 19.75
CA ASN A 9 -11.64 -2.55 18.98
C ASN A 9 -10.85 -3.52 19.86
N GLN A 10 -11.26 -4.80 19.82
CA GLN A 10 -10.63 -5.84 20.61
C GLN A 10 -9.40 -6.44 19.92
N ALA A 11 -8.66 -5.65 19.15
CA ALA A 11 -7.44 -6.13 18.54
C ALA A 11 -6.39 -6.40 19.61
N LEU A 12 -5.57 -7.41 19.36
CA LEU A 12 -4.49 -7.77 20.26
C LEU A 12 -3.20 -7.06 19.84
N LEU A 13 -2.50 -6.50 20.82
CA LEU A 13 -1.21 -5.87 20.59
C LEU A 13 -0.13 -6.77 21.17
N ARG A 14 0.62 -7.42 20.29
CA ARG A 14 1.68 -8.32 20.71
C ARG A 14 2.95 -7.52 20.98
N ILE A 15 3.51 -7.69 22.17
CA ILE A 15 4.79 -7.08 22.53
C ILE A 15 5.85 -8.16 22.50
N LEU A 16 6.84 -7.99 21.63
CA LEU A 16 7.83 -9.02 21.37
C LEU A 16 9.13 -8.71 22.10
N LYS A 17 9.75 -9.75 22.64
CA LYS A 17 11.04 -9.61 23.30
C LYS A 17 12.14 -9.36 22.28
N GLU A 18 13.12 -8.54 22.67
CA GLU A 18 14.24 -8.26 21.78
C GLU A 18 15.06 -9.53 21.51
N THR A 19 15.11 -10.45 22.47
CA THR A 19 15.89 -11.67 22.33
C THR A 19 15.29 -12.63 21.30
N GLU A 20 14.10 -12.35 20.78
CA GLU A 20 13.46 -13.21 19.79
C GLU A 20 13.83 -12.85 18.36
N PHE A 21 14.68 -11.84 18.15
CA PHE A 21 15.03 -11.37 16.82
C PHE A 21 16.53 -11.60 16.58
N LYS A 22 16.84 -12.28 15.49
CA LYS A 22 18.22 -12.60 15.11
C LYS A 22 18.48 -12.12 13.69
N LYS A 23 19.77 -12.02 13.36
CA LYS A 23 20.23 -11.70 12.00
C LYS A 23 19.62 -10.40 11.48
N ILE A 24 19.71 -9.35 12.29
CA ILE A 24 19.15 -8.06 11.92
C ILE A 24 20.12 -7.35 10.97
N LYS A 25 19.66 -7.12 9.74
CA LYS A 25 20.42 -6.38 8.74
C LYS A 25 19.58 -5.23 8.21
N VAL A 26 20.24 -4.12 7.90
CA VAL A 26 19.54 -2.96 7.39
C VAL A 26 19.03 -3.25 5.98
N LEU A 27 17.85 -2.74 5.67
CA LEU A 27 17.18 -3.00 4.40
C LEU A 27 16.94 -1.76 3.57
N GLY A 28 16.80 -0.59 4.21
CA GLY A 28 16.55 0.65 3.50
C GLY A 28 16.09 1.73 4.45
N SER A 29 16.38 2.99 4.10
CA SER A 29 15.99 4.12 4.93
C SER A 29 15.49 5.25 4.03
N GLY A 30 14.68 6.13 4.60
CA GLY A 30 14.11 7.24 3.85
C GLY A 30 13.10 8.00 4.67
N ALA A 31 12.13 8.59 3.96
CA ALA A 31 11.09 9.37 4.64
C ALA A 31 10.25 8.50 5.58
N PHE A 32 10.09 7.22 5.25
CA PHE A 32 9.36 6.29 6.10
C PHE A 32 10.10 5.94 7.38
N GLY A 33 11.36 6.35 7.51
CA GLY A 33 12.20 5.91 8.60
C GLY A 33 13.27 4.97 8.08
N THR A 34 13.66 3.98 8.87
CA THR A 34 14.60 2.96 8.43
C THR A 34 14.02 1.58 8.70
N VAL A 35 14.19 0.67 7.76
CA VAL A 35 13.62 -0.66 7.82
C VAL A 35 14.75 -1.67 7.84
N TYR A 36 14.66 -2.65 8.75
CA TYR A 36 15.60 -3.76 8.83
C TYR A 36 14.89 -5.05 8.46
N LYS A 37 15.69 -6.06 8.09
CA LYS A 37 15.21 -7.42 7.94
C LYS A 37 15.80 -8.28 9.05
N GLY A 38 15.08 -9.31 9.44
CA GLY A 38 15.55 -10.15 10.53
C GLY A 38 14.74 -11.43 10.63
N LEU A 39 15.13 -12.25 11.61
CA LEU A 39 14.47 -13.52 11.90
C LEU A 39 13.82 -13.43 13.27
N TRP A 40 12.49 -13.52 13.30
CA TRP A 40 11.76 -13.59 14.55
C TRP A 40 11.57 -15.06 14.94
N ILE A 41 12.11 -15.43 16.09
CA ILE A 41 12.01 -16.81 16.56
C ILE A 41 11.23 -16.82 17.87
N PRO A 42 9.91 -17.03 17.82
CA PRO A 42 9.15 -17.14 19.08
C PRO A 42 9.64 -18.33 19.90
N GLU A 43 9.94 -18.06 21.17
CA GLU A 43 10.51 -19.08 22.03
C GLU A 43 9.50 -20.19 22.30
N GLY A 44 10.01 -21.41 22.47
CA GLY A 44 9.17 -22.58 22.63
C GLY A 44 8.51 -23.06 21.35
N GLU A 45 8.69 -22.35 20.25
CA GLU A 45 8.11 -22.73 18.96
C GLU A 45 9.23 -22.94 17.96
N LYS A 46 9.31 -24.15 17.40
CA LYS A 46 10.33 -24.45 16.40
C LYS A 46 10.00 -23.79 15.07
N VAL A 47 9.88 -22.47 15.07
CA VAL A 47 9.55 -21.70 13.88
C VAL A 47 10.50 -20.51 13.77
N LYS A 48 10.91 -20.19 12.54
CA LYS A 48 11.68 -18.99 12.24
C LYS A 48 10.88 -18.20 11.21
N ILE A 49 10.56 -16.95 11.51
CA ILE A 49 9.69 -16.14 10.70
C ILE A 49 10.49 -14.96 10.15
N PRO A 50 10.68 -14.87 8.84
CA PRO A 50 11.34 -13.68 8.27
C PRO A 50 10.47 -12.45 8.48
N VAL A 51 11.07 -11.41 9.06
CA VAL A 51 10.33 -10.21 9.45
C VAL A 51 11.06 -8.97 8.96
N ALA A 52 10.34 -7.87 8.91
CA ALA A 52 10.90 -6.54 8.71
C ALA A 52 10.61 -5.69 9.94
N ILE A 53 11.53 -4.77 10.23
CA ILE A 53 11.51 -3.98 11.46
C ILE A 53 11.66 -2.51 11.10
N LYS A 54 10.73 -1.69 11.58
CA LYS A 54 10.62 -0.28 11.20
C LYS A 54 10.75 0.61 12.42
N GLU A 55 11.47 1.73 12.26
CA GLU A 55 11.59 2.72 13.31
C GLU A 55 11.83 4.08 12.67
N LEU A 56 11.37 5.12 13.35
CA LEU A 56 11.46 6.49 12.83
C LEU A 56 12.75 7.17 13.31
N THR A 60 14.72 8.88 18.99
CA THR A 60 13.92 8.47 20.13
C THR A 60 13.15 9.67 20.69
N SER A 61 12.53 10.42 19.80
CA SER A 61 11.73 11.55 20.27
C SER A 61 10.36 11.07 20.70
N PRO A 62 9.78 11.68 21.74
CA PRO A 62 8.37 11.36 22.08
C PRO A 62 7.42 11.61 20.93
N LYS A 63 7.78 12.53 20.02
CA LYS A 63 7.00 12.70 18.80
C LYS A 63 7.02 11.44 17.95
N ALA A 64 8.21 10.89 17.71
CA ALA A 64 8.32 9.70 16.87
C ALA A 64 7.66 8.50 17.53
N ASN A 65 7.82 8.35 18.85
CA ASN A 65 7.19 7.24 19.55
C ASN A 65 5.67 7.34 19.49
N LYS A 66 5.13 8.55 19.56
CA LYS A 66 3.69 8.73 19.46
C LYS A 66 3.18 8.34 18.07
N GLU A 67 3.89 8.76 17.02
CA GLU A 67 3.43 8.48 15.66
C GLU A 67 3.59 7.01 15.31
N ILE A 68 4.68 6.38 15.75
CA ILE A 68 4.88 4.97 15.45
C ILE A 68 3.84 4.12 16.17
N LEU A 69 3.37 4.56 17.34
CA LEU A 69 2.31 3.83 18.04
C LEU A 69 0.97 4.03 17.36
N ASP A 70 0.73 5.21 16.78
CA ASP A 70 -0.49 5.43 16.00
C ASP A 70 -0.56 4.46 14.83
N GLU A 71 0.57 4.22 14.18
CA GLU A 71 0.58 3.27 13.06
C GLU A 71 0.39 1.83 13.55
N ALA A 72 0.94 1.52 14.72
CA ALA A 72 0.74 0.19 15.29
C ALA A 72 -0.73 -0.08 15.61
N TYR A 73 -1.42 0.94 16.15
CA TYR A 73 -2.84 0.79 16.43
C TYR A 73 -3.62 0.45 15.16
N VAL A 74 -3.35 1.19 14.07
CA VAL A 74 -4.06 0.97 12.83
C VAL A 74 -3.76 -0.43 12.28
N MET A 75 -2.49 -0.83 12.28
CA MET A 75 -2.12 -2.10 11.66
C MET A 75 -2.51 -3.30 12.51
N ALA A 76 -2.58 -3.14 13.84
CA ALA A 76 -3.02 -4.24 14.67
C ALA A 76 -4.49 -4.56 14.48
N SER A 77 -5.24 -3.66 13.85
CA SER A 77 -6.67 -3.82 13.68
C SER A 77 -7.06 -4.26 12.27
N VAL A 78 -6.09 -4.67 11.44
CA VAL A 78 -6.35 -5.06 10.07
C VAL A 78 -5.90 -6.50 9.87
N ASP A 79 -6.71 -7.26 9.11
CA ASP A 79 -6.41 -8.67 8.82
C ASP A 79 -6.99 -8.97 7.44
N ASN A 80 -6.14 -8.83 6.42
CA ASN A 80 -6.53 -9.04 5.04
C ASN A 80 -5.31 -9.49 4.27
N PRO A 81 -5.46 -10.42 3.32
CA PRO A 81 -4.29 -10.92 2.58
C PRO A 81 -3.57 -9.88 1.74
N HIS A 82 -4.19 -8.72 1.48
CA HIS A 82 -3.54 -7.68 0.69
C HIS A 82 -3.33 -6.40 1.50
N VAL A 83 -3.21 -6.53 2.82
CA VAL A 83 -2.86 -5.45 3.71
C VAL A 83 -1.79 -5.96 4.66
N CYS A 84 -0.72 -5.18 4.83
CA CYS A 84 0.36 -5.59 5.72
C CYS A 84 -0.16 -5.81 7.13
N ARG A 85 0.21 -6.95 7.72
CA ARG A 85 -0.21 -7.30 9.06
C ARG A 85 0.87 -6.97 10.08
N LEU A 86 0.48 -6.34 11.17
CA LEU A 86 1.41 -6.07 12.26
C LEU A 86 1.60 -7.33 13.09
N LEU A 87 2.82 -7.85 13.12
CA LEU A 87 3.11 -8.98 13.98
C LEU A 87 3.26 -8.57 15.44
N GLY A 88 3.68 -7.34 15.68
CA GLY A 88 3.84 -6.85 17.03
C GLY A 88 4.80 -5.68 17.07
N ILE A 89 5.02 -5.20 18.28
CA ILE A 89 5.94 -4.09 18.52
C ILE A 89 7.00 -4.55 19.52
N CYS A 90 8.17 -3.93 19.44
CA CYS A 90 9.27 -4.18 20.38
C CYS A 90 9.54 -2.90 21.15
N LEU A 91 9.61 -3.01 22.47
CA LEU A 91 9.74 -1.84 23.34
C LEU A 91 11.16 -1.72 23.85
N THR A 92 12.06 -1.34 22.95
CA THR A 92 13.44 -1.09 23.31
C THR A 92 13.69 0.41 23.45
N SER A 93 14.92 0.84 23.13
CA SER A 93 15.24 2.26 23.19
C SER A 93 14.21 3.10 22.46
N THR A 94 13.95 2.77 21.19
CA THR A 94 12.85 3.34 20.45
C THR A 94 11.87 2.23 20.09
N VAL A 95 10.64 2.62 19.77
CA VAL A 95 9.58 1.66 19.48
C VAL A 95 9.70 1.21 18.04
N GLN A 96 9.77 -0.11 17.85
CA GLN A 96 9.88 -0.71 16.52
C GLN A 96 8.60 -1.44 16.18
N LEU A 97 8.25 -1.42 14.89
CA LEU A 97 7.14 -2.22 14.38
C LEU A 97 7.69 -3.47 13.71
N ILE A 98 7.00 -4.59 13.87
CA ILE A 98 7.42 -5.87 13.33
C ILE A 98 6.34 -6.36 12.39
N THR A 99 6.73 -6.70 11.16
CA THR A 99 5.79 -7.17 10.15
C THR A 99 6.42 -8.30 9.35
N GLN A 100 5.58 -8.95 8.54
CA GLN A 100 6.03 -9.99 7.63
C GLN A 100 7.01 -9.41 6.61
N LEU A 101 8.11 -10.13 6.39
CA LEU A 101 9.10 -9.68 5.42
C LEU A 101 8.56 -9.81 4.00
N MET A 102 8.62 -8.70 3.26
CA MET A 102 8.24 -8.66 1.85
C MET A 102 9.52 -8.67 1.02
N PRO A 103 10.01 -9.86 0.63
CA PRO A 103 11.39 -9.97 0.14
C PRO A 103 11.65 -9.25 -1.18
N PHE A 104 10.61 -8.91 -1.96
CA PHE A 104 10.80 -8.29 -3.26
C PHE A 104 10.69 -6.78 -3.23
N GLY A 105 10.53 -6.17 -2.06
CA GLY A 105 10.52 -4.73 -1.94
C GLY A 105 9.16 -4.12 -2.28
N CYS A 106 9.19 -2.82 -2.60
CA CYS A 106 7.98 -2.11 -2.97
C CYS A 106 7.72 -2.26 -4.47
N LEU A 107 6.45 -2.13 -4.84
CA LEU A 107 6.04 -2.40 -6.22
C LEU A 107 6.59 -1.35 -7.18
N LEU A 108 6.80 -0.12 -6.71
CA LEU A 108 7.35 0.92 -7.59
C LEU A 108 8.75 0.56 -8.06
N ASP A 109 9.61 0.11 -7.14
CA ASP A 109 10.94 -0.33 -7.54
C ASP A 109 10.88 -1.62 -8.34
N TYR A 110 9.91 -2.49 -8.06
CA TYR A 110 9.83 -3.77 -8.75
C TYR A 110 9.51 -3.59 -10.22
N VAL A 111 8.51 -2.77 -10.53
CA VAL A 111 8.13 -2.57 -11.94
C VAL A 111 9.23 -1.86 -12.70
N ARG A 112 9.98 -0.98 -12.03
CA ARG A 112 11.11 -0.33 -12.69
C ARG A 112 12.23 -1.32 -12.98
N GLU A 113 12.50 -2.21 -12.02
CA GLU A 113 13.62 -3.14 -12.18
C GLU A 113 13.33 -4.21 -13.22
N HIS A 114 12.08 -4.67 -13.29
CA HIS A 114 11.69 -5.77 -14.17
C HIS A 114 10.74 -5.33 -15.27
N LYS A 115 10.96 -4.12 -15.80
CA LYS A 115 10.13 -3.59 -16.89
C LYS A 115 9.93 -4.61 -18.00
N ASP A 116 11.01 -5.22 -18.45
CA ASP A 116 11.00 -6.06 -19.66
C ASP A 116 10.48 -7.47 -19.40
N ASN A 117 10.09 -7.81 -18.17
CA ASN A 117 9.59 -9.14 -17.87
C ASN A 117 8.26 -9.11 -17.12
N ILE A 118 7.50 -8.03 -17.24
CA ILE A 118 6.20 -7.90 -16.59
C ILE A 118 5.13 -7.91 -17.67
N GLY A 119 4.19 -8.84 -17.55
CA GLY A 119 3.12 -8.98 -18.51
C GLY A 119 1.80 -8.43 -17.99
N SER A 120 0.81 -8.40 -18.89
CA SER A 120 -0.51 -7.88 -18.55
C SER A 120 -1.15 -8.67 -17.42
N GLN A 121 -0.89 -9.98 -17.35
CA GLN A 121 -1.47 -10.80 -16.29
C GLN A 121 -1.06 -10.27 -14.91
N TYR A 122 0.24 -10.01 -14.72
CA TYR A 122 0.71 -9.52 -13.43
C TYR A 122 0.21 -8.11 -13.16
N LEU A 123 0.20 -7.25 -14.18
CA LEU A 123 -0.23 -5.87 -13.97
C LEU A 123 -1.69 -5.81 -13.54
N LEU A 124 -2.56 -6.54 -14.24
CA LEU A 124 -3.99 -6.50 -13.90
C LEU A 124 -4.27 -7.23 -12.60
N ASN A 125 -3.52 -8.30 -12.29
CA ASN A 125 -3.69 -8.97 -11.00
C ASN A 125 -3.32 -8.05 -9.84
N TRP A 126 -2.23 -7.29 -9.99
CA TRP A 126 -1.87 -6.33 -8.96
C TRP A 126 -2.98 -5.30 -8.75
N CYS A 127 -3.61 -4.84 -9.84
CA CYS A 127 -4.70 -3.90 -9.71
C CYS A 127 -5.88 -4.50 -8.96
N VAL A 128 -6.12 -5.80 -9.16
CA VAL A 128 -7.18 -6.48 -8.43
C VAL A 128 -6.84 -6.55 -6.94
N GLN A 129 -5.60 -6.95 -6.63
CA GLN A 129 -5.22 -7.17 -5.23
C GLN A 129 -5.20 -5.86 -4.45
N ILE A 130 -4.69 -4.78 -5.06
CA ILE A 130 -4.67 -3.50 -4.38
C ILE A 130 -6.08 -3.00 -4.12
N ALA A 131 -6.98 -3.19 -5.08
CA ALA A 131 -8.37 -2.80 -4.87
C ALA A 131 -9.05 -3.66 -3.82
N LYS A 132 -8.66 -4.94 -3.72
CA LYS A 132 -9.20 -5.80 -2.67
C LYS A 132 -8.77 -5.30 -1.29
N GLY A 133 -7.49 -4.93 -1.15
CA GLY A 133 -7.04 -4.40 0.12
C GLY A 133 -7.68 -3.06 0.46
N MET A 134 -7.79 -2.17 -0.53
CA MET A 134 -8.41 -0.88 -0.29
C MET A 134 -9.89 -1.04 0.06
N ASN A 135 -10.59 -1.95 -0.62
CA ASN A 135 -11.98 -2.21 -0.29
C ASN A 135 -12.11 -2.76 1.12
N TYR A 136 -11.14 -3.55 1.58
CA TYR A 136 -11.15 -4.02 2.96
C TYR A 136 -10.96 -2.86 3.93
N LEU A 137 -10.00 -1.98 3.64
CA LEU A 137 -9.79 -0.81 4.48
C LEU A 137 -11.04 0.05 4.55
N GLU A 138 -11.77 0.16 3.43
CA GLU A 138 -13.04 0.87 3.45
C GLU A 138 -14.06 0.15 4.31
N ASP A 139 -14.05 -1.19 4.29
CA ASP A 139 -14.94 -1.95 5.16
C ASP A 139 -14.66 -1.66 6.63
N ARG A 140 -13.40 -1.45 6.98
CA ARG A 140 -13.02 -1.07 8.33
C ARG A 140 -13.09 0.43 8.56
N ARG A 141 -13.71 1.17 7.64
CA ARG A 141 -13.88 2.62 7.75
C ARG A 141 -12.52 3.31 7.88
N LEU A 142 -11.56 2.89 7.07
CA LEU A 142 -10.18 3.36 7.18
C LEU A 142 -9.79 4.04 5.87
N VAL A 143 -9.39 5.31 5.96
CA VAL A 143 -8.88 6.06 4.82
C VAL A 143 -7.36 6.03 4.89
N HIS A 144 -6.72 5.54 3.84
CA HIS A 144 -5.27 5.33 3.87
C HIS A 144 -4.51 6.65 3.77
N ARG A 145 -4.92 7.51 2.84
CA ARG A 145 -4.41 8.86 2.61
C ARG A 145 -2.98 8.88 2.05
N ASP A 146 -2.38 7.74 1.77
CA ASP A 146 -1.05 7.72 1.18
C ASP A 146 -0.88 6.47 0.32
N LEU A 147 -1.88 6.17 -0.51
CA LEU A 147 -1.77 5.05 -1.43
C LEU A 147 -0.90 5.45 -2.62
N ALA A 148 0.11 4.63 -2.91
CA ALA A 148 1.04 4.87 -4.00
C ALA A 148 1.79 3.58 -4.27
N ALA A 149 2.45 3.53 -5.43
CA ALA A 149 3.21 2.34 -5.77
C ALA A 149 4.35 2.09 -4.79
N ARG A 150 4.93 3.16 -4.24
CA ARG A 150 5.97 3.01 -3.23
C ARG A 150 5.45 2.38 -1.95
N ASN A 151 4.14 2.47 -1.69
CA ASN A 151 3.54 1.92 -0.48
C ASN A 151 2.81 0.60 -0.74
N VAL A 152 3.14 -0.08 -1.82
CA VAL A 152 2.66 -1.44 -2.08
C VAL A 152 3.88 -2.36 -2.10
N LEU A 153 3.85 -3.40 -1.29
CA LEU A 153 4.97 -4.31 -1.14
C LEU A 153 4.70 -5.63 -1.84
N VAL A 154 5.78 -6.30 -2.23
CA VAL A 154 5.72 -7.51 -3.04
C VAL A 154 6.17 -8.68 -2.16
N LYS A 155 5.23 -9.51 -1.72
CA LYS A 155 5.59 -10.74 -1.05
C LYS A 155 6.20 -11.73 -2.02
N THR A 156 5.45 -12.07 -3.07
CA THR A 156 5.93 -12.76 -4.26
C THR A 156 5.40 -11.98 -5.45
N PRO A 157 5.95 -12.21 -6.65
CA PRO A 157 5.43 -11.51 -7.83
C PRO A 157 3.92 -11.65 -8.01
N GLN A 158 3.32 -12.69 -7.44
CA GLN A 158 1.90 -12.95 -7.57
C GLN A 158 1.09 -12.46 -6.38
N HIS A 159 1.72 -11.81 -5.40
CA HIS A 159 1.04 -11.46 -4.16
C HIS A 159 1.62 -10.16 -3.62
N VAL A 160 0.79 -9.12 -3.54
CA VAL A 160 1.21 -7.82 -3.04
C VAL A 160 0.32 -7.39 -1.88
N LYS A 161 0.84 -6.49 -1.05
CA LYS A 161 0.13 -6.00 0.12
C LYS A 161 0.36 -4.51 0.28
N ILE A 162 -0.65 -3.83 0.86
CA ILE A 162 -0.61 -2.39 1.08
C ILE A 162 0.06 -2.11 2.43
N THR A 163 0.92 -1.08 2.46
CA THR A 163 1.74 -0.80 3.64
C THR A 163 1.70 0.70 3.96
N ASP A 164 2.43 1.07 5.01
CA ASP A 164 2.62 2.44 5.46
C ASP A 164 1.30 3.11 5.82
N PHE A 165 0.90 3.01 7.09
CA PHE A 165 -0.33 3.61 7.59
C PHE A 165 -0.05 4.80 8.50
N GLY A 166 1.01 5.55 8.20
CA GLY A 166 1.34 6.72 9.01
C GLY A 166 0.36 7.86 8.83
N LEU A 167 -0.30 7.94 7.68
CA LEU A 167 -1.32 8.95 7.44
C LEU A 167 -2.73 8.42 7.58
N ALA A 168 -2.89 7.11 7.84
CA ALA A 168 -4.22 6.52 7.84
C ALA A 168 -5.06 7.06 8.99
N LYS A 169 -6.35 7.25 8.71
CA LYS A 169 -7.30 7.76 9.70
C LYS A 169 -8.52 6.86 9.75
N LEU A 170 -9.09 6.74 10.95
CA LEU A 170 -10.28 5.93 11.18
C LEU A 170 -11.49 6.85 11.21
N LEU A 171 -12.37 6.70 10.22
CA LEU A 171 -13.59 7.49 10.18
C LEU A 171 -14.62 6.92 11.15
N GLY A 172 -15.15 7.78 12.01
CA GLY A 172 -16.20 7.36 12.92
C GLY A 172 -17.47 6.99 12.19
N ALA A 173 -18.32 6.25 12.89
CA ALA A 173 -19.63 5.89 12.33
C ALA A 173 -20.42 7.16 12.01
N GLU A 174 -21.09 7.15 10.85
CA GLU A 174 -21.86 8.27 10.32
C GLU A 174 -20.94 9.39 9.81
N GLU A 175 -19.68 9.38 10.20
CA GLU A 175 -18.73 10.38 9.71
C GLU A 175 -18.25 9.99 8.32
N LYS A 176 -18.28 10.95 7.40
CA LYS A 176 -17.99 10.69 5.99
C LYS A 176 -16.62 11.18 5.54
N GLU A 177 -16.13 12.28 6.10
CA GLU A 177 -14.88 12.89 5.68
C GLU A 177 -13.91 12.98 6.85
N TYR A 178 -12.63 13.18 6.52
CA TYR A 178 -11.60 13.53 7.49
C TYR A 178 -10.99 14.86 7.11
N HIS A 179 -11.04 15.82 8.03
CA HIS A 179 -10.50 17.17 7.81
C HIS A 179 -9.10 17.21 8.43
N ALA A 180 -8.08 17.18 7.59
CA ALA A 180 -6.71 17.13 8.06
C ALA A 180 -6.22 18.53 8.40
N GLU A 181 -4.93 18.66 8.71
CA GLU A 181 -4.32 19.95 9.01
C GLU A 181 -3.06 20.08 8.16
N GLY A 182 -2.18 21.00 8.58
CA GLY A 182 -0.92 21.16 7.88
C GLY A 182 0.00 19.98 8.09
N GLY A 183 0.83 19.73 7.09
CA GLY A 183 1.75 18.62 7.10
C GLY A 183 2.08 18.19 5.68
N LYS A 184 3.28 17.67 5.51
CA LYS A 184 3.74 17.20 4.20
C LYS A 184 2.83 16.08 3.72
N VAL A 185 2.25 16.26 2.53
CA VAL A 185 1.30 15.29 1.97
C VAL A 185 1.66 15.01 0.52
N PRO A 186 1.50 13.77 0.05
CA PRO A 186 1.82 13.47 -1.36
C PRO A 186 0.85 14.13 -2.33
N ILE A 187 1.19 15.36 -2.74
CA ILE A 187 0.26 16.18 -3.52
C ILE A 187 -0.09 15.51 -4.84
N LYS A 188 0.90 14.90 -5.51
CA LYS A 188 0.67 14.32 -6.82
C LYS A 188 -0.11 13.02 -6.77
N TRP A 189 -0.50 12.55 -5.58
CA TRP A 189 -1.39 11.41 -5.45
C TRP A 189 -2.75 11.75 -4.85
N MET A 190 -2.96 12.99 -4.41
CA MET A 190 -4.17 13.37 -3.71
C MET A 190 -5.24 13.86 -4.67
N ALA A 191 -6.49 13.64 -4.29
CA ALA A 191 -7.61 14.21 -5.02
C ALA A 191 -7.61 15.73 -4.88
N LEU A 192 -8.25 16.39 -5.84
CA LEU A 192 -8.26 17.85 -5.85
C LEU A 192 -8.88 18.41 -4.57
N GLU A 193 -9.97 17.79 -4.10
CA GLU A 193 -10.59 18.28 -2.87
C GLU A 193 -9.68 18.10 -1.67
N SER A 194 -8.76 17.13 -1.73
CA SER A 194 -7.77 16.99 -0.66
C SER A 194 -6.72 18.09 -0.74
N ILE A 195 -6.25 18.40 -1.95
CA ILE A 195 -5.28 19.47 -2.12
C ILE A 195 -5.90 20.82 -1.76
N LEU A 196 -7.15 21.04 -2.15
CA LEU A 196 -7.78 22.34 -1.97
C LEU A 196 -8.30 22.51 -0.54
N HIS A 197 -9.03 21.53 -0.02
CA HIS A 197 -9.75 21.70 1.24
C HIS A 197 -9.34 20.70 2.31
N ARG A 198 -8.25 19.95 2.10
CA ARG A 198 -7.74 19.00 3.09
C ARG A 198 -8.79 17.97 3.51
N ILE A 199 -9.65 17.57 2.57
CA ILE A 199 -10.71 16.61 2.83
C ILE A 199 -10.29 15.26 2.26
N TYR A 200 -10.43 14.21 3.06
CA TYR A 200 -10.04 12.86 2.67
C TYR A 200 -11.19 11.91 2.95
N THR A 201 -11.53 11.09 1.95
CA THR A 201 -12.55 10.07 2.07
C THR A 201 -12.03 8.80 1.43
N HIS A 202 -12.86 7.75 1.43
CA HIS A 202 -12.52 6.56 0.65
C HIS A 202 -12.47 6.88 -0.84
N GLN A 203 -13.25 7.86 -1.28
CA GLN A 203 -13.23 8.26 -2.68
C GLN A 203 -12.00 9.09 -3.02
N SER A 204 -11.38 9.76 -2.04
CA SER A 204 -10.09 10.38 -2.30
C SER A 204 -8.98 9.34 -2.37
N ASP A 205 -9.10 8.24 -1.62
CA ASP A 205 -8.23 7.09 -1.82
C ASP A 205 -8.39 6.51 -3.22
N VAL A 206 -9.61 6.55 -3.76
CA VAL A 206 -9.85 6.06 -5.12
C VAL A 206 -9.03 6.86 -6.13
N TRP A 207 -8.96 8.17 -5.95
CA TRP A 207 -8.09 8.99 -6.77
C TRP A 207 -6.65 8.51 -6.70
N SER A 208 -6.14 8.30 -5.47
CA SER A 208 -4.77 7.82 -5.31
C SER A 208 -4.59 6.44 -5.92
N TYR A 209 -5.64 5.61 -5.90
CA TYR A 209 -5.59 4.32 -6.58
C TYR A 209 -5.34 4.51 -8.06
N GLY A 210 -6.05 5.45 -8.69
CA GLY A 210 -5.87 5.71 -10.11
C GLY A 210 -4.46 6.15 -10.45
N VAL A 211 -3.85 6.97 -9.59
CA VAL A 211 -2.47 7.37 -9.82
C VAL A 211 -1.54 6.18 -9.64
N THR A 212 -1.83 5.32 -8.65
CA THR A 212 -1.00 4.13 -8.44
C THR A 212 -1.07 3.19 -9.64
N VAL A 213 -2.27 3.02 -10.22
CA VAL A 213 -2.39 2.21 -11.42
C VAL A 213 -1.59 2.82 -12.56
N TRP A 214 -1.64 4.13 -12.72
CA TRP A 214 -0.85 4.80 -13.75
C TRP A 214 0.64 4.58 -13.53
N GLU A 215 1.07 4.53 -12.27
CA GLU A 215 2.46 4.23 -11.96
C GLU A 215 2.85 2.85 -12.48
N LEU A 216 1.99 1.86 -12.26
CA LEU A 216 2.31 0.50 -12.70
C LEU A 216 2.26 0.39 -14.21
N MET A 217 1.25 1.00 -14.85
CA MET A 217 1.08 0.86 -16.29
C MET A 217 2.15 1.62 -17.07
N THR A 218 2.78 2.62 -16.46
CA THR A 218 3.93 3.29 -17.05
C THR A 218 5.25 2.68 -16.58
N PHE A 219 5.19 1.55 -15.87
CA PHE A 219 6.38 0.86 -15.37
C PHE A 219 7.21 1.76 -14.46
N GLY A 220 6.53 2.54 -13.62
CA GLY A 220 7.21 3.31 -12.61
C GLY A 220 7.56 4.73 -12.98
N SER A 221 6.80 5.36 -13.86
CA SER A 221 7.05 6.76 -14.19
C SER A 221 6.57 7.65 -13.06
N LYS A 222 7.26 8.79 -12.89
CA LYS A 222 6.87 9.76 -11.89
C LYS A 222 5.66 10.54 -12.38
N PRO A 223 4.58 10.63 -11.58
CA PRO A 223 3.42 11.41 -12.01
C PRO A 223 3.76 12.90 -12.06
N TYR A 224 3.38 13.54 -13.17
CA TYR A 224 3.66 14.96 -13.40
C TYR A 224 5.14 15.26 -13.20
N ASP A 225 5.98 14.44 -13.82
CA ASP A 225 7.43 14.56 -13.65
C ASP A 225 7.90 15.93 -14.12
N GLY A 226 8.54 16.67 -13.22
CA GLY A 226 9.03 18.01 -13.50
C GLY A 226 8.13 19.12 -13.00
N ILE A 227 6.84 18.86 -12.82
CA ILE A 227 5.92 19.89 -12.34
C ILE A 227 6.15 20.10 -10.85
N PRO A 228 6.34 21.34 -10.39
CA PRO A 228 6.41 21.58 -8.94
C PRO A 228 5.07 21.26 -8.29
N ALA A 229 5.14 20.73 -7.06
CA ALA A 229 3.94 20.30 -6.37
C ALA A 229 2.95 21.45 -6.17
N SER A 230 3.45 22.69 -6.09
CA SER A 230 2.59 23.85 -5.92
C SER A 230 1.77 24.17 -7.17
N GLU A 231 2.03 23.49 -8.29
CA GLU A 231 1.27 23.71 -9.52
C GLU A 231 0.21 22.65 -9.76
N ILE A 232 0.21 21.56 -9.01
CA ILE A 232 -0.70 20.45 -9.30
C ILE A 232 -2.15 20.88 -9.12
N SER A 233 -2.41 21.75 -8.14
CA SER A 233 -3.79 22.19 -7.89
C SER A 233 -4.38 22.88 -9.12
N SER A 234 -3.71 23.92 -9.61
CA SER A 234 -4.23 24.67 -10.75
C SER A 234 -4.26 23.83 -12.03
N ILE A 235 -3.32 22.89 -12.17
CA ILE A 235 -3.32 22.04 -13.35
C ILE A 235 -4.52 21.12 -13.35
N LEU A 236 -4.84 20.52 -12.20
CA LEU A 236 -6.03 19.68 -12.11
C LEU A 236 -7.31 20.49 -12.30
N GLU A 237 -7.32 21.74 -11.85
CA GLU A 237 -8.53 22.56 -11.97
C GLU A 237 -8.83 22.90 -13.42
N LYS A 238 -7.80 23.04 -14.26
CA LYS A 238 -8.02 23.29 -15.69
C LYS A 238 -8.49 22.06 -16.44
N GLY A 239 -8.56 20.90 -15.79
CA GLY A 239 -9.03 19.68 -16.41
C GLY A 239 -7.95 18.74 -16.89
N GLU A 240 -6.68 19.06 -16.65
CA GLU A 240 -5.59 18.23 -17.11
C GLU A 240 -5.42 17.01 -16.20
N ARG A 241 -5.08 15.88 -16.80
CA ARG A 241 -4.88 14.63 -16.09
C ARG A 241 -3.61 13.96 -16.57
N LEU A 242 -3.25 12.85 -15.91
CA LEU A 242 -2.10 12.07 -16.34
C LEU A 242 -2.39 11.46 -17.72
N PRO A 243 -1.40 11.39 -18.60
CA PRO A 243 -1.66 10.91 -19.96
C PRO A 243 -1.91 9.41 -20.00
N GLN A 244 -2.44 8.96 -21.13
CA GLN A 244 -2.74 7.55 -21.34
C GLN A 244 -1.45 6.76 -21.54
N PRO A 245 -1.16 5.75 -20.72
CA PRO A 245 0.07 4.99 -20.93
C PRO A 245 0.01 4.23 -22.25
N PRO A 246 1.16 4.08 -22.92
CA PRO A 246 1.14 3.43 -24.24
C PRO A 246 0.63 2.00 -24.25
N ILE A 247 0.85 1.23 -23.17
CA ILE A 247 0.35 -0.13 -23.13
C ILE A 247 -1.13 -0.22 -22.81
N CYS A 248 -1.77 0.89 -22.48
CA CYS A 248 -3.14 0.89 -21.97
C CYS A 248 -4.13 1.05 -23.10
N THR A 249 -5.04 0.09 -23.23
CA THR A 249 -6.22 0.29 -24.05
C THR A 249 -7.10 1.36 -23.42
N ILE A 250 -8.06 1.86 -24.20
CA ILE A 250 -8.97 2.87 -23.68
C ILE A 250 -9.78 2.30 -22.52
N ASP A 251 -10.05 0.98 -22.54
CA ASP A 251 -10.76 0.34 -21.44
C ASP A 251 -10.08 0.59 -20.10
N VAL A 252 -8.76 0.34 -20.04
CA VAL A 252 -8.04 0.50 -18.78
C VAL A 252 -7.87 1.98 -18.45
N TYR A 253 -7.53 2.81 -19.43
CA TYR A 253 -7.32 4.23 -19.17
C TYR A 253 -8.60 4.92 -18.76
N MET A 254 -9.73 4.53 -19.34
CA MET A 254 -11.02 5.08 -18.93
C MET A 254 -11.28 4.83 -17.45
N ILE A 255 -10.85 3.68 -16.94
CA ILE A 255 -11.00 3.40 -15.51
C ILE A 255 -10.15 4.35 -14.69
N MET A 256 -8.93 4.66 -15.16
CA MET A 256 -8.10 5.63 -14.46
C MET A 256 -8.73 7.01 -14.48
N VAL A 257 -9.27 7.41 -15.62
CA VAL A 257 -9.86 8.74 -15.74
C VAL A 257 -11.06 8.88 -14.81
N LYS A 258 -11.83 7.80 -14.62
CA LYS A 258 -12.97 7.85 -13.71
C LYS A 258 -12.52 8.02 -12.27
N CYS A 259 -11.31 7.57 -11.93
CA CYS A 259 -10.77 7.79 -10.59
C CYS A 259 -10.42 9.25 -10.36
N TRP A 260 -10.26 10.04 -11.41
CA TRP A 260 -9.83 11.42 -11.31
C TRP A 260 -10.95 12.41 -11.61
N MET A 261 -12.19 11.99 -11.49
CA MET A 261 -13.32 12.89 -11.69
C MET A 261 -13.37 13.93 -10.57
N ILE A 262 -13.86 15.13 -10.93
CA ILE A 262 -14.02 16.18 -9.92
C ILE A 262 -15.06 15.76 -8.89
N ASP A 263 -16.18 15.23 -9.34
CA ASP A 263 -17.20 14.72 -8.42
C ASP A 263 -16.71 13.44 -7.78
N ALA A 264 -16.44 13.50 -6.46
CA ALA A 264 -15.90 12.34 -5.76
C ALA A 264 -16.86 11.16 -5.80
N ASP A 265 -18.17 11.40 -5.77
CA ASP A 265 -19.14 10.32 -5.81
C ASP A 265 -19.27 9.71 -7.20
N SER A 266 -18.76 10.39 -8.23
CA SER A 266 -18.75 9.83 -9.57
C SER A 266 -17.56 8.91 -9.82
N ARG A 267 -16.57 8.92 -8.94
CA ARG A 267 -15.47 7.98 -9.06
C ARG A 267 -15.96 6.56 -8.74
N PRO A 268 -15.31 5.54 -9.29
CA PRO A 268 -15.73 4.16 -9.00
C PRO A 268 -15.43 3.78 -7.56
N LYS A 269 -16.22 2.84 -7.06
CA LYS A 269 -15.97 2.26 -5.75
C LYS A 269 -14.89 1.18 -5.85
N PHE A 270 -14.20 0.94 -4.75
CA PHE A 270 -13.15 -0.07 -4.74
C PHE A 270 -13.71 -1.45 -5.08
N ARG A 271 -14.92 -1.76 -4.60
CA ARG A 271 -15.55 -3.03 -4.94
C ARG A 271 -15.83 -3.14 -6.43
N GLU A 272 -16.03 -2.00 -7.11
CA GLU A 272 -16.24 -2.00 -8.54
C GLU A 272 -14.92 -2.12 -9.30
N LEU A 273 -13.85 -1.48 -8.77
CA LEU A 273 -12.52 -1.66 -9.35
C LEU A 273 -12.12 -3.13 -9.34
N ILE A 274 -12.46 -3.85 -8.27
CA ILE A 274 -12.17 -5.28 -8.20
C ILE A 274 -12.86 -6.01 -9.35
N ILE A 275 -14.16 -5.77 -9.53
CA ILE A 275 -14.93 -6.46 -10.54
C ILE A 275 -14.37 -6.17 -11.93
N GLU A 276 -14.11 -4.90 -12.22
CA GLU A 276 -13.71 -4.51 -13.56
C GLU A 276 -12.34 -5.07 -13.92
N PHE A 277 -11.36 -4.93 -13.02
CA PHE A 277 -10.03 -5.45 -13.31
C PHE A 277 -10.00 -6.97 -13.32
N SER A 278 -10.88 -7.62 -12.54
CA SER A 278 -10.94 -9.08 -12.56
C SER A 278 -11.44 -9.59 -13.90
N LYS A 279 -12.40 -8.87 -14.51
CA LYS A 279 -12.84 -9.22 -15.86
C LYS A 279 -11.68 -9.11 -16.84
N MET A 280 -10.93 -8.02 -16.76
CA MET A 280 -9.83 -7.79 -17.69
C MET A 280 -8.69 -8.76 -17.45
N ALA A 281 -8.45 -9.16 -16.20
CA ALA A 281 -7.42 -10.15 -15.91
C ALA A 281 -7.78 -11.52 -16.46
N ARG A 282 -9.04 -11.75 -16.83
CA ARG A 282 -9.40 -13.00 -17.48
C ARG A 282 -8.95 -13.05 -18.94
N ASP A 283 -8.78 -11.89 -19.57
CA ASP A 283 -8.28 -11.79 -20.94
C ASP A 283 -7.28 -10.64 -21.00
N PRO A 284 -6.11 -10.82 -20.37
CA PRO A 284 -5.22 -9.67 -20.15
C PRO A 284 -4.71 -9.02 -21.43
N GLN A 285 -4.41 -9.82 -22.45
CA GLN A 285 -3.89 -9.26 -23.70
C GLN A 285 -4.95 -8.49 -24.47
N ARG A 286 -6.21 -8.54 -24.06
CA ARG A 286 -7.24 -7.73 -24.68
C ARG A 286 -7.26 -6.30 -24.13
N TYR A 287 -6.61 -6.06 -22.99
CA TYR A 287 -6.68 -4.76 -22.33
C TYR A 287 -5.34 -4.10 -22.08
N LEU A 288 -4.24 -4.85 -22.12
CA LEU A 288 -2.90 -4.27 -22.04
C LEU A 288 -2.08 -4.81 -23.21
N VAL A 289 -1.42 -3.92 -23.93
CA VAL A 289 -0.66 -4.27 -25.13
C VAL A 289 0.82 -4.08 -24.79
N ILE A 290 1.50 -5.18 -24.48
CA ILE A 290 2.88 -5.17 -24.02
C ILE A 290 3.73 -5.96 -25.00
N GLN A 291 4.84 -5.36 -25.43
CA GLN A 291 5.78 -5.98 -26.35
C GLN A 291 6.24 -7.33 -25.81
N GLY A 292 5.96 -8.39 -26.55
CA GLY A 292 6.33 -9.73 -26.14
C GLY A 292 5.70 -10.19 -24.83
N ASP A 293 4.41 -9.89 -24.63
CA ASP A 293 3.74 -10.26 -23.39
C ASP A 293 3.70 -11.78 -23.21
N GLU A 294 3.40 -12.51 -24.27
CA GLU A 294 3.24 -13.96 -24.21
C GLU A 294 4.53 -14.71 -23.86
N ARG A 295 5.66 -14.02 -23.73
CA ARG A 295 6.95 -14.67 -23.45
C ARG A 295 7.63 -13.98 -22.27
N MET A 296 6.99 -14.02 -21.11
CA MET A 296 7.51 -13.36 -19.92
C MET A 296 7.33 -14.26 -18.70
N HIS A 297 8.33 -14.26 -17.82
CA HIS A 297 8.32 -15.09 -16.63
C HIS A 297 8.77 -14.29 -15.42
N LEU A 298 8.07 -14.45 -14.31
CA LEU A 298 8.43 -13.84 -13.03
C LEU A 298 8.46 -14.92 -11.96
N PRO A 299 9.42 -14.83 -11.02
CA PRO A 299 9.58 -15.83 -9.95
C PRO A 299 8.34 -15.95 -9.07
N ASP A 312 18.36 -17.94 3.79
CA ASP A 312 19.63 -18.56 4.20
C ASP A 312 19.56 -20.07 3.94
N GLU A 313 20.15 -20.87 4.83
CA GLU A 313 20.16 -22.32 4.64
C GLU A 313 19.99 -23.07 5.96
N GLU A 314 20.77 -22.71 6.97
CA GLU A 314 20.63 -23.37 8.27
C GLU A 314 19.24 -23.11 8.87
N ASP A 315 18.63 -21.97 8.52
CA ASP A 315 17.31 -21.65 9.02
C ASP A 315 16.22 -22.40 8.29
N MET A 316 16.44 -22.73 7.01
CA MET A 316 15.43 -23.29 6.11
C MET A 316 14.47 -24.30 6.74
N ASP A 317 15.00 -25.20 7.58
CA ASP A 317 14.19 -26.29 8.11
C ASP A 317 12.95 -25.78 8.84
N ASP A 318 13.12 -24.73 9.65
CA ASP A 318 12.03 -24.21 10.48
C ASP A 318 11.51 -22.86 9.99
N VAL A 319 11.89 -22.44 8.78
CA VAL A 319 11.39 -21.18 8.25
C VAL A 319 9.92 -21.34 7.88
N VAL A 320 9.09 -20.43 8.37
CA VAL A 320 7.67 -20.40 8.04
C VAL A 320 7.28 -18.95 7.77
N ASP A 321 6.61 -18.72 6.65
CA ASP A 321 6.13 -17.37 6.34
C ASP A 321 5.08 -16.94 7.35
N ALA A 322 5.02 -15.64 7.62
CA ALA A 322 4.10 -15.13 8.62
C ALA A 322 2.65 -15.40 8.27
N ASP A 323 2.33 -15.49 6.97
CA ASP A 323 0.97 -15.80 6.54
C ASP A 323 0.52 -17.18 7.01
N GLU A 324 1.46 -18.07 7.34
CA GLU A 324 1.13 -19.39 7.86
C GLU A 324 1.42 -19.52 9.35
N TYR A 325 1.70 -18.42 10.03
CA TYR A 325 1.89 -18.40 11.48
C TYR A 325 0.77 -17.57 12.09
N LEU A 326 -0.19 -18.24 12.73
CA LEU A 326 -1.39 -17.61 13.23
C LEU A 326 -1.48 -17.79 14.75
N ILE A 327 -1.66 -16.68 15.46
CA ILE A 327 -1.80 -16.68 16.92
C ILE A 327 -0.68 -17.46 17.60
C19 X9B B . 8.82 -3.28 4.16
C16 X9B B . 7.73 2.77 2.94
C10 X9B B . 8.46 -1.81 4.18
C12 X9B B . 8.56 0.43 3.55
C14 X9B B . 6.82 1.50 4.95
C13 X9B B . 7.57 0.31 4.52
C17 X9B B . 8.92 1.76 2.92
C02 X9B B . 5.98 -2.56 9.46
C03 X9B B . 5.69 -2.15 8.16
C04 X9B B . 6.77 -2.04 7.21
C05 X9B B . 8.05 -2.37 7.68
C06 X9B B . 8.29 -2.79 8.98
C07 X9B B . 7.25 -2.89 9.90
C09 X9B B . 7.48 -1.08 4.93
C20 X9B B . 9.87 -3.93 3.43
C21 X9B B . 10.01 -5.34 3.56
C23 X9B B . 8.24 -5.54 4.98
C24 X9B B . 8.02 -4.16 4.92
C26 X9B B . 11.79 -2.47 3.11
C27 X9B B . 12.27 -1.42 2.01
C28 X9B B . 13.15 -0.35 2.67
C29 X9B B . 13.10 -2.15 0.93
C31 X9B B . 10.67 -1.26 0.18
C33 X9B B . 4.11 -0.45 7.73
N08 X9B B . 6.57 -1.62 5.88
N11 X9B B . 9.10 -0.85 3.35
N15 X9B B . 6.91 2.67 4.15
N22 X9B B . 9.23 -6.14 4.31
O18 X9B B . 6.12 1.54 5.93
O25 X9B B . 10.72 -3.25 2.61
O30 X9B B . 11.11 -0.82 1.45
O32 X9B B . 4.43 -1.83 7.78
CL01 X9B B . 4.75 -2.74 10.69
C1 CIT C . 4.60 15.49 -3.68
O1 CIT C . 3.77 15.63 -2.82
O2 CIT C . 5.17 16.48 -4.32
C2 CIT C . 5.07 14.14 -4.15
C3 CIT C . 5.81 13.26 -3.13
O7 CIT C . 4.85 12.41 -2.49
C4 CIT C . 6.79 12.40 -3.94
C5 CIT C . 7.36 11.22 -3.20
O3 CIT C . 6.82 11.07 -2.01
O4 CIT C . 8.20 10.47 -3.65
C6 CIT C . 6.51 14.10 -2.06
O5 CIT C . 5.73 14.52 -1.12
O6 CIT C . 7.71 14.36 -2.11
C1 CIT D . 11.71 10.62 -6.59
O1 CIT D . 10.84 11.55 -6.89
O2 CIT D . 12.81 10.56 -7.08
C2 CIT D . 11.21 9.65 -5.56
C3 CIT D . 10.79 8.29 -6.13
O7 CIT D . 11.85 7.36 -5.89
C4 CIT D . 9.51 7.82 -5.41
C5 CIT D . 9.74 7.13 -4.09
O3 CIT D . 9.62 7.69 -3.03
O4 CIT D . 10.07 5.87 -4.21
C6 CIT D . 10.54 8.37 -7.64
O5 CIT D . 9.47 8.75 -8.11
O6 CIT D . 11.56 8.03 -8.37
#